data_8ENG
#
_entry.id   8ENG
#
_cell.length_a   42.908
_cell.length_b   60.829
_cell.length_c   44.631
_cell.angle_alpha   90.000
_cell.angle_beta   116.707
_cell.angle_gamma   90.000
#
_symmetry.space_group_name_H-M   'P 1 21 1'
#
loop_
_entity.id
_entity.type
_entity.pdbx_description
1 polymer "DNA (5'-D(*AP*AP*TP*AP*AP*G*(5CM)P*GP*GP*AP*AP*GP*TP*GP*GP*G)-3')"
2 polymer "DNA (5'-D(*TP*CP*CP*CP*AP*CP*TP*TP*CP*CP*GP*CP*TP*TP*AP*T)-3')"
3 polymer 'Transcription factor PU.1'
4 non-polymer 'SODIUM ION'
5 water water
#
loop_
_entity_poly.entity_id
_entity_poly.type
_entity_poly.pdbx_seq_one_letter_code
_entity_poly.pdbx_strand_id
1 'polydeoxyribonucleotide' (DA)(DA)(DT)(DA)(DA)(DG)(5CM)(DG)(DG)(DA)(DA)(DG)(DT)(DG)(DG)(DG) C
2 'polydeoxyribonucleotide' (DT)(DC)(DC)(DC)(DA)(DC)(DT)(DT)(DC)(DC)(DG)(DC)(DT)(DT)(DA)(DT) D
3 'polypeptide(L)'
;GSKKKIRLYQFLLDLLRSGDMKDSIWWVDKDKGTFQFSSKHKEALAHRWGIQKGNRKKMTYQKMARALRNYGKTGEVKKV
KKKLTYQFSGEVLGRGGLAERRHPPH
;
F
#
loop_
_chem_comp.id
_chem_comp.type
_chem_comp.name
_chem_comp.formula
5CM DNA linking 5-METHYL-2'-DEOXY-CYTIDINE-5'-MONOPHOSPHATE 'C10 H16 N3 O7 P'
DA DNA linking 2'-DEOXYADENOSINE-5'-MONOPHOSPHATE 'C10 H14 N5 O6 P'
DC DNA linking 2'-DEOXYCYTIDINE-5'-MONOPHOSPHATE 'C9 H14 N3 O7 P'
DG DNA linking 2'-DEOXYGUANOSINE-5'-MONOPHOSPHATE 'C10 H14 N5 O7 P'
DT DNA linking THYMIDINE-5'-MONOPHOSPHATE 'C10 H15 N2 O8 P'
NA non-polymer 'SODIUM ION' 'Na 1'
#
# COMPACT_ATOMS: atom_id res chain seq x y z
N1 5CM A 7 3.17 -4.88 -16.97
C2 5CM A 7 4.36 -4.78 -17.68
N3 5CM A 7 5.21 -3.78 -17.38
C4 5CM A 7 4.94 -2.93 -16.38
C5 5CM A 7 3.74 -3.02 -15.64
C5A 5CM A 7 3.45 -2.07 -14.52
C6 5CM A 7 2.90 -4.00 -15.96
O2 5CM A 7 4.59 -5.59 -18.59
N4 5CM A 7 5.82 -1.97 -16.14
C1' 5CM A 7 2.19 -5.92 -17.35
C2' 5CM A 7 1.71 -6.83 -16.23
C3' 5CM A 7 0.36 -7.29 -16.77
C4' 5CM A 7 -0.07 -6.20 -17.74
O4' 5CM A 7 1.01 -5.23 -17.76
O3' 5CM A 7 0.41 -8.51 -17.48
C5' 5CM A 7 -1.35 -5.49 -17.36
O5' 5CM A 7 -1.25 -5.18 -15.96
P 5CM A 7 -2.56 -4.54 -15.25
OP1 5CM A 7 -3.81 -5.24 -15.72
OP2 5CM A 7 -2.26 -4.61 -13.79
H5A1 5CM A 7 3.88 -2.39 -13.70
H5A2 5CM A 7 2.49 -2.01 -14.39
H5A3 5CM A 7 3.80 -1.19 -14.74
H6 5CM A 7 2.08 -4.10 -15.48
HN41 5CM A 7 6.55 -1.90 -16.65
HN42 5CM A 7 5.68 -1.39 -15.50
H1' 5CM A 7 2.59 -6.47 -18.07
H2' 5CM A 7 2.32 -7.59 -16.10
H2'' 5CM A 7 1.62 -6.34 -15.39
H3' 5CM A 7 -0.23 -7.42 -15.98
H4' 5CM A 7 -0.16 -6.59 -18.63
H5' 5CM A 7 -2.13 -6.08 -17.53
H5'' 5CM A 7 -1.47 -4.67 -17.89
N LYS C 5 12.22 -6.81 9.43
CA LYS C 5 11.64 -5.56 8.96
C LYS C 5 10.18 -5.73 8.55
N ILE C 6 9.43 -4.63 8.62
CA ILE C 6 8.00 -4.65 8.34
C ILE C 6 7.76 -5.00 6.88
N ARG C 7 6.69 -5.75 6.62
CA ARG C 7 6.34 -6.07 5.25
C ARG C 7 5.53 -4.94 4.62
N LEU C 8 5.63 -4.84 3.28
CA LEU C 8 4.96 -3.76 2.56
C LEU C 8 3.46 -3.70 2.87
N TYR C 9 2.77 -4.85 2.85
CA TYR C 9 1.32 -4.77 3.07
C TYR C 9 1.01 -4.23 4.45
N GLN C 10 1.87 -4.53 5.43
CA GLN C 10 1.65 -4.05 6.79
C GLN C 10 1.95 -2.57 6.91
N PHE C 11 3.01 -2.10 6.24
CA PHE C 11 3.29 -0.66 6.17
C PHE C 11 2.07 0.09 5.66
N LEU C 12 1.44 -0.41 4.60
CA LEU C 12 0.29 0.27 4.02
C LEU C 12 -0.92 0.21 4.96
N LEU C 13 -1.19 -0.96 5.54
CA LEU C 13 -2.30 -1.07 6.48
C LEU C 13 -2.10 -0.14 7.67
N ASP C 14 -0.87 -0.04 8.17
CA ASP C 14 -0.60 0.85 9.30
C ASP C 14 -0.81 2.31 8.94
N LEU C 15 -0.41 2.70 7.72
CA LEU C 15 -0.66 4.08 7.27
C LEU C 15 -2.15 4.38 7.22
N LEU C 16 -2.93 3.43 6.70
CA LEU C 16 -4.37 3.64 6.61
C LEU C 16 -4.98 3.77 8.00
N ARG C 17 -4.44 3.05 8.96
CA ARG C 17 -4.93 3.13 10.34
C ARG C 17 -4.59 4.47 10.98
N SER C 18 -3.38 4.98 10.76
CA SER C 18 -2.95 6.20 11.42
C SER C 18 -3.47 7.46 10.72
N GLY C 19 -3.76 7.39 9.43
CA GLY C 19 -4.09 8.56 8.64
C GLY C 19 -2.96 9.55 8.45
N ASP C 20 -1.71 9.16 8.67
CA ASP C 20 -0.62 10.13 8.64
C ASP C 20 -0.32 10.64 7.23
N MET C 21 -0.75 9.92 6.19
CA MET C 21 -0.58 10.34 4.81
C MET C 21 -1.90 10.27 4.06
N LYS C 22 -2.94 10.88 4.64
CA LYS C 22 -4.29 10.79 4.10
C LYS C 22 -4.42 11.40 2.72
N ASP C 23 -3.51 12.29 2.34
CA ASP C 23 -3.55 12.84 1.00
C ASP C 23 -2.85 11.95 -0.02
N SER C 24 -2.17 10.89 0.42
CA SER C 24 -1.51 9.95 -0.48
C SER C 24 -2.22 8.61 -0.64
N ILE C 25 -3.01 8.18 0.35
CA ILE C 25 -3.64 6.87 0.33
C ILE C 25 -4.91 6.98 1.16
N TRP C 26 -5.95 6.23 0.77
CA TRP C 26 -7.21 6.27 1.50
C TRP C 26 -7.98 4.98 1.26
N TRP C 27 -8.86 4.66 2.21
CA TRP C 27 -9.82 3.58 1.98
C TRP C 27 -10.85 4.00 0.95
N VAL C 28 -11.25 3.06 0.11
CA VAL C 28 -12.42 3.19 -0.72
C VAL C 28 -13.63 2.55 -0.05
N ASP C 29 -13.50 1.28 0.33
CA ASP C 29 -14.51 0.58 1.12
C ASP C 29 -13.74 -0.18 2.19
N LYS C 30 -13.66 0.39 3.38
CA LYS C 30 -12.79 -0.23 4.38
C LYS C 30 -13.28 -1.60 4.78
N ASP C 31 -14.59 -1.83 4.78
CA ASP C 31 -15.11 -3.14 5.16
C ASP C 31 -14.66 -4.23 4.19
N LYS C 32 -14.50 -3.90 2.92
CA LYS C 32 -13.99 -4.82 1.92
C LYS C 32 -12.49 -4.79 1.79
N GLY C 33 -11.85 -3.84 2.45
CA GLY C 33 -10.40 -3.73 2.36
C GLY C 33 -9.87 -3.07 1.11
N THR C 34 -10.71 -2.34 0.36
CA THR C 34 -10.25 -1.68 -0.86
C THR C 34 -9.69 -0.31 -0.51
N PHE C 35 -8.57 0.04 -1.15
CA PHE C 35 -7.85 1.28 -0.89
C PHE C 35 -7.26 1.79 -2.19
N GLN C 36 -6.91 3.07 -2.20
CA GLN C 36 -6.47 3.73 -3.41
C GLN C 36 -5.39 4.75 -3.11
N PHE C 37 -4.44 4.86 -4.01
CA PHE C 37 -3.40 5.88 -3.94
C PHE C 37 -3.75 7.11 -4.75
N SER C 38 -3.19 8.24 -4.32
CA SER C 38 -3.32 9.52 -5.02
C SER C 38 -2.40 9.56 -6.23
N SER C 39 -2.94 9.94 -7.39
CA SER C 39 -2.09 10.10 -8.57
C SER C 39 -0.97 11.09 -8.29
N LYS C 40 -1.31 12.23 -7.72
CA LYS C 40 -0.35 13.30 -7.55
C LYS C 40 0.53 13.18 -6.31
N HIS C 41 0.12 12.43 -5.29
CA HIS C 41 0.84 12.41 -4.02
C HIS C 41 1.33 11.04 -3.60
N LYS C 42 1.28 10.05 -4.50
CA LYS C 42 1.75 8.70 -4.15
C LYS C 42 3.26 8.64 -4.03
N GLU C 43 4.00 9.48 -4.76
CA GLU C 43 5.45 9.36 -4.70
CA GLU C 43 5.45 9.37 -4.70
C GLU C 43 5.98 9.67 -3.30
N ALA C 44 5.36 10.60 -2.56
CA ALA C 44 5.83 10.90 -1.21
C ALA C 44 5.69 9.67 -0.32
N LEU C 45 4.63 8.90 -0.52
CA LEU C 45 4.42 7.68 0.26
C LEU C 45 5.44 6.61 -0.12
N ALA C 46 5.70 6.46 -1.43
CA ALA C 46 6.75 5.55 -1.87
C ALA C 46 8.10 5.92 -1.28
N HIS C 47 8.43 7.22 -1.25
CA HIS C 47 9.70 7.63 -0.66
C HIS C 47 9.80 7.17 0.79
N ARG C 48 8.71 7.31 1.54
CA ARG C 48 8.68 6.91 2.94
CA ARG C 48 8.69 6.91 2.94
C ARG C 48 8.93 5.42 3.10
N TRP C 49 8.34 4.60 2.22
CA TRP C 49 8.57 3.15 2.27
C TRP C 49 10.05 2.83 2.10
N GLY C 50 10.70 3.45 1.11
CA GLY C 50 12.11 3.16 0.88
C GLY C 50 12.99 3.57 2.04
N ILE C 51 12.69 4.71 2.65
CA ILE C 51 13.46 5.17 3.80
C ILE C 51 13.22 4.26 5.01
N GLN C 52 11.98 3.80 5.21
CA GLN C 52 11.72 2.87 6.29
C GLN C 52 12.52 1.58 6.11
N LYS C 53 12.67 1.13 4.88
CA LYS C 53 13.42 -0.08 4.58
C LYS C 53 14.94 0.12 4.55
N GLY C 54 15.43 1.34 4.42
CA GLY C 54 16.85 1.57 4.28
C GLY C 54 17.43 1.06 2.98
N ASN C 55 16.63 1.05 1.91
CA ASN C 55 17.11 0.55 0.62
C ASN C 55 18.20 1.46 0.07
N ARG C 56 19.03 0.88 -0.80
CA ARG C 56 20.13 1.66 -1.38
C ARG C 56 19.62 2.81 -2.23
N LYS C 57 18.65 2.56 -3.11
CA LYS C 57 18.14 3.58 -4.01
C LYS C 57 16.90 4.24 -3.44
N LYS C 58 16.57 5.41 -4.01
CA LYS C 58 15.30 6.05 -3.73
C LYS C 58 14.16 5.20 -4.25
N MET C 59 13.15 4.99 -3.42
CA MET C 59 11.99 4.19 -3.81
C MET C 59 11.07 5.05 -4.66
N THR C 60 10.46 4.43 -5.65
CA THR C 60 9.46 5.08 -6.50
C THR C 60 8.14 4.33 -6.39
N TYR C 61 7.06 5.00 -6.76
CA TYR C 61 5.78 4.30 -6.76
C TYR C 61 5.82 3.09 -7.70
N GLN C 62 6.48 3.22 -8.86
CA GLN C 62 6.55 2.10 -9.77
C GLN C 62 7.18 0.88 -9.12
N LYS C 63 8.30 1.06 -8.43
CA LYS C 63 8.94 -0.08 -7.79
C LYS C 63 8.08 -0.62 -6.65
N MET C 64 7.40 0.27 -5.92
CA MET C 64 6.53 -0.21 -4.86
C MET C 64 5.37 -1.02 -5.43
N ALA C 65 4.77 -0.54 -6.52
CA ALA C 65 3.69 -1.27 -7.18
C ALA C 65 4.18 -2.59 -7.78
N ARG C 66 5.44 -2.64 -8.22
CA ARG C 66 6.00 -3.91 -8.69
C ARG C 66 6.05 -4.92 -7.56
N ALA C 67 6.41 -4.49 -6.36
CA ALA C 67 6.38 -5.36 -5.20
C ALA C 67 4.95 -5.77 -4.86
N LEU C 68 4.00 -4.83 -4.94
CA LEU C 68 2.60 -5.18 -4.65
C LEU C 68 2.10 -6.25 -5.59
N ARG C 69 2.52 -6.20 -6.86
CA ARG C 69 2.06 -7.19 -7.84
C ARG C 69 2.36 -8.61 -7.38
N ASN C 70 3.47 -8.82 -6.67
CA ASN C 70 3.82 -10.17 -6.24
C ASN C 70 2.88 -10.72 -5.18
N TYR C 71 2.11 -9.89 -4.50
CA TYR C 71 1.14 -10.39 -3.56
C TYR C 71 -0.10 -10.97 -4.22
N GLY C 72 -0.30 -10.74 -5.52
CA GLY C 72 -1.52 -11.18 -6.17
C GLY C 72 -1.71 -12.69 -6.07
N LYS C 73 -0.62 -13.45 -6.27
CA LYS C 73 -0.72 -14.91 -6.31
C LYS C 73 -0.95 -15.49 -4.92
N THR C 74 -0.29 -14.92 -3.90
CA THR C 74 -0.44 -15.44 -2.55
C THR C 74 -1.67 -14.87 -1.86
N GLY C 75 -2.11 -13.69 -2.28
CA GLY C 75 -3.43 -13.17 -1.95
C GLY C 75 -3.48 -12.03 -0.96
N GLU C 76 -2.35 -11.58 -0.40
CA GLU C 76 -2.41 -10.54 0.64
C GLU C 76 -3.01 -9.25 0.11
N VAL C 77 -2.69 -8.90 -1.14
CA VAL C 77 -3.14 -7.69 -1.79
C VAL C 77 -3.42 -8.05 -3.24
N LYS C 78 -4.59 -7.67 -3.73
CA LYS C 78 -4.94 -7.87 -5.13
C LYS C 78 -5.23 -6.54 -5.78
N LYS C 79 -4.87 -6.41 -7.05
CA LYS C 79 -5.18 -5.21 -7.81
CA LYS C 79 -5.18 -5.21 -7.81
C LYS C 79 -6.63 -5.26 -8.26
N VAL C 80 -7.34 -4.15 -8.06
CA VAL C 80 -8.73 -3.92 -8.43
C VAL C 80 -8.70 -3.23 -9.78
N LYS C 81 -9.77 -3.42 -10.56
CA LYS C 81 -9.83 -2.89 -11.93
C LYS C 81 -10.22 -1.41 -11.94
N LYS C 82 -9.39 -0.60 -11.30
CA LYS C 82 -9.57 0.84 -11.20
C LYS C 82 -8.18 1.39 -10.92
N LYS C 83 -7.85 2.55 -11.50
CA LYS C 83 -6.48 3.04 -11.39
C LYS C 83 -6.05 3.14 -9.94
N LEU C 84 -4.85 2.64 -9.65
CA LEU C 84 -4.18 2.88 -8.38
C LEU C 84 -4.95 2.28 -7.20
N THR C 85 -5.77 1.24 -7.44
CA THR C 85 -6.67 0.69 -6.44
C THR C 85 -6.38 -0.79 -6.19
N TYR C 86 -6.36 -1.17 -4.91
CA TYR C 86 -5.98 -2.49 -4.45
C TYR C 86 -6.94 -2.95 -3.35
N GLN C 87 -6.82 -4.22 -2.96
CA GLN C 87 -7.69 -4.80 -1.94
C GLN C 87 -6.90 -5.77 -1.07
N PHE C 88 -6.89 -5.53 0.24
CA PHE C 88 -6.29 -6.47 1.18
C PHE C 88 -7.19 -7.70 1.34
N SER C 89 -6.56 -8.83 1.65
CA SER C 89 -7.32 -10.04 1.96
C SER C 89 -7.99 -9.93 3.33
N GLY C 90 -9.02 -10.75 3.53
CA GLY C 90 -9.63 -10.83 4.85
C GLY C 90 -8.66 -11.25 5.94
N GLU C 91 -7.71 -12.13 5.61
CA GLU C 91 -6.70 -12.54 6.58
C GLU C 91 -5.86 -11.35 7.02
N VAL C 92 -5.38 -10.57 6.07
CA VAL C 92 -4.58 -9.37 6.39
C VAL C 92 -5.37 -8.41 7.28
N LEU C 93 -6.64 -8.16 6.91
CA LEU C 93 -7.46 -7.21 7.65
C LEU C 93 -7.75 -7.69 9.07
N GLY C 94 -8.08 -8.97 9.22
CA GLY C 94 -8.47 -9.47 10.53
C GLY C 94 -7.29 -9.58 11.48
N ARG C 95 -6.16 -10.06 10.97
CA ARG C 95 -4.98 -10.19 11.81
C ARG C 95 -4.43 -8.83 12.23
N GLY C 96 -4.45 -7.87 11.32
CA GLY C 96 -4.09 -6.51 11.67
C GLY C 96 -4.89 -5.98 12.85
N GLY C 97 -6.21 -5.91 12.69
CA GLY C 97 -7.09 -5.40 13.74
C GLY C 97 -6.88 -6.07 15.09
NA NA D . 17.28 -14.90 -13.17
NA NA E . -6.93 6.94 -18.04
#